data_9IRZ
#
_entry.id   9IRZ
#
_cell.length_a   117.157
_cell.length_b   117.157
_cell.length_c   35.092
_cell.angle_alpha   90.000
_cell.angle_beta   90.000
_cell.angle_gamma   120.000
#
_symmetry.space_group_name_H-M   'H 3'
#
loop_
_entity.id
_entity.type
_entity.pdbx_description
1 polymer 'Probable HTH-type transcriptional regulator YhaJ'
2 non-polymer 'PHOSPHATE ION'
3 non-polymer 'CHLORIDE ION'
4 water water
#
_entity_poly.entity_id   1
_entity_poly.type   'polypeptide(L)'
_entity_poly.pdbx_seq_one_letter_code
;MAKERALTLEALRVMDAIDRRGSFAAAADELGRVPSALSYTMQKLEEELDVVLFDRSGHRTKFTNVGRMLLERGRVLLEA
ADKLTTDAEALARLEHHHHHH
;
_entity_poly.pdbx_strand_id   A,B
#
# COMPACT_ATOMS: atom_id res chain seq x y z
N ALA A 2 -3.04 -12.69 1.50
CA ALA A 2 -2.44 -11.36 1.47
C ALA A 2 -2.74 -10.67 0.15
N LYS A 3 -3.85 -11.02 -0.51
CA LYS A 3 -4.07 -10.65 -1.91
C LYS A 3 -5.38 -9.91 -2.15
N GLU A 4 -5.81 -9.06 -1.23
CA GLU A 4 -6.90 -8.13 -1.54
C GLU A 4 -6.22 -6.85 -1.99
N ARG A 5 -6.23 -6.60 -3.30
CA ARG A 5 -5.38 -5.59 -3.91
C ARG A 5 -6.11 -4.31 -4.27
N ALA A 6 -7.42 -4.22 -4.00
CA ALA A 6 -8.14 -3.00 -4.29
C ALA A 6 -7.66 -1.85 -3.42
N LEU A 7 -7.54 -2.09 -2.12
CA LEU A 7 -7.12 -1.04 -1.19
C LEU A 7 -5.63 -0.74 -1.36
N THR A 8 -5.31 0.55 -1.51
CA THR A 8 -3.93 1.02 -1.57
C THR A 8 -3.70 2.01 -0.44
N LEU A 9 -2.43 2.15 -0.07
CA LEU A 9 -2.06 3.21 0.87
C LEU A 9 -2.33 4.58 0.27
N GLU A 10 -2.16 4.73 -1.04
CA GLU A 10 -2.42 6.03 -1.65
C GLU A 10 -3.89 6.40 -1.51
N ALA A 11 -4.80 5.43 -1.68
CA ALA A 11 -6.21 5.70 -1.49
C ALA A 11 -6.51 6.09 -0.06
N LEU A 12 -5.83 5.45 0.90
CA LEU A 12 -6.00 5.84 2.30
C LEU A 12 -5.48 7.25 2.54
N ARG A 13 -4.40 7.63 1.86
CA ARG A 13 -3.89 8.99 2.00
C ARG A 13 -4.84 10.01 1.41
N VAL A 14 -5.51 9.67 0.30
CA VAL A 14 -6.54 10.55 -0.26
C VAL A 14 -7.67 10.73 0.75
N MET A 15 -8.08 9.63 1.37
CA MET A 15 -9.11 9.64 2.38
C MET A 15 -8.74 10.55 3.55
N ASP A 16 -7.48 10.43 4.02
CA ASP A 16 -7.00 11.25 5.12
C ASP A 16 -7.01 12.73 4.76
N ALA A 17 -6.59 13.07 3.55
CA ALA A 17 -6.55 14.46 3.15
C ALA A 17 -7.95 15.04 2.99
N ILE A 18 -8.89 14.25 2.46
CA ILE A 18 -10.25 14.73 2.34
C ILE A 18 -10.83 15.04 3.72
N ASP A 19 -10.55 14.18 4.70
CA ASP A 19 -11.04 14.41 6.05
C ASP A 19 -10.41 15.64 6.68
N ARG A 20 -9.08 15.74 6.62
CA ARG A 20 -8.38 16.84 7.29
C ARG A 20 -8.72 18.18 6.66
N ARG A 21 -8.73 18.25 5.33
CA ARG A 21 -8.93 19.51 4.64
C ARG A 21 -10.39 19.84 4.38
N GLY A 22 -11.29 18.87 4.51
CA GLY A 22 -12.71 19.12 4.51
C GLY A 22 -13.41 19.09 3.16
N SER A 23 -12.66 18.94 2.07
CA SER A 23 -13.28 18.91 0.75
C SER A 23 -12.37 18.16 -0.21
N PHE A 24 -12.97 17.62 -1.27
CA PHE A 24 -12.18 17.05 -2.34
C PHE A 24 -11.27 18.11 -2.97
N ALA A 25 -11.76 19.34 -3.09
CA ALA A 25 -10.99 20.39 -3.76
C ALA A 25 -9.72 20.73 -2.99
N ALA A 26 -9.84 20.96 -1.68
CA ALA A 26 -8.68 21.32 -0.89
C ALA A 26 -7.73 20.14 -0.74
N ALA A 27 -8.26 18.92 -0.60
CA ALA A 27 -7.39 17.74 -0.56
C ALA A 27 -6.63 17.58 -1.86
N ALA A 28 -7.30 17.78 -3.00
CA ALA A 28 -6.61 17.68 -4.28
C ALA A 28 -5.52 18.73 -4.40
N ASP A 29 -5.80 19.96 -3.94
CA ASP A 29 -4.79 21.00 -3.88
C ASP A 29 -3.59 20.54 -3.07
N GLU A 30 -3.83 19.93 -1.91
CA GLU A 30 -2.74 19.47 -1.06
C GLU A 30 -1.91 18.40 -1.76
N LEU A 31 -2.55 17.48 -2.45
CA LEU A 31 -1.88 16.34 -3.06
C LEU A 31 -1.30 16.66 -4.44
N GLY A 32 -1.55 17.85 -4.97
CA GLY A 32 -1.06 18.21 -6.30
C GLY A 32 -1.75 17.48 -7.43
N ARG A 33 -3.06 17.25 -7.31
CA ARG A 33 -3.82 16.53 -8.31
C ARG A 33 -5.08 17.32 -8.65
N VAL A 34 -5.71 16.98 -9.77
CA VAL A 34 -6.99 17.60 -10.10
C VAL A 34 -8.06 16.92 -9.25
N PRO A 35 -9.12 17.62 -8.86
CA PRO A 35 -10.09 17.01 -7.94
C PRO A 35 -10.73 15.74 -8.48
N SER A 36 -10.94 15.64 -9.79
CA SER A 36 -11.58 14.44 -10.31
C SER A 36 -10.65 13.23 -10.27
N ALA A 37 -9.34 13.45 -10.13
CA ALA A 37 -8.44 12.31 -9.92
C ALA A 37 -8.71 11.67 -8.57
N LEU A 38 -9.00 12.48 -7.55
CA LEU A 38 -9.33 11.94 -6.23
C LEU A 38 -10.69 11.24 -6.26
N SER A 39 -11.65 11.83 -6.98
CA SER A 39 -12.94 11.19 -7.17
C SER A 39 -12.78 9.83 -7.84
N TYR A 40 -11.88 9.73 -8.82
CA TYR A 40 -11.69 8.45 -9.51
C TYR A 40 -11.10 7.40 -8.57
N THR A 41 -10.07 7.77 -7.82
CA THR A 41 -9.45 6.83 -6.88
C THR A 41 -10.47 6.32 -5.86
N MET A 42 -11.31 7.21 -5.35
CA MET A 42 -12.35 6.82 -4.40
C MET A 42 -13.40 5.92 -5.05
N GLN A 43 -13.84 6.28 -6.25
CA GLN A 43 -14.94 5.54 -6.86
C GLN A 43 -14.47 4.20 -7.39
N LYS A 44 -13.22 4.10 -7.85
CA LYS A 44 -12.70 2.80 -8.27
C LYS A 44 -12.60 1.84 -7.09
N LEU A 45 -12.24 2.35 -5.92
CA LEU A 45 -12.19 1.52 -4.72
C LEU A 45 -13.58 1.08 -4.30
N GLU A 46 -14.54 2.00 -4.30
CA GLU A 46 -15.94 1.66 -4.02
C GLU A 46 -16.41 0.52 -4.91
N GLU A 47 -16.10 0.61 -6.20
CA GLU A 47 -16.58 -0.36 -7.16
C GLU A 47 -15.89 -1.70 -6.97
N GLU A 48 -14.59 -1.69 -6.67
CA GLU A 48 -13.87 -2.94 -6.47
C GLU A 48 -14.27 -3.61 -5.16
N LEU A 49 -14.58 -2.83 -4.12
CA LEU A 49 -14.98 -3.39 -2.83
C LEU A 49 -16.49 -3.58 -2.70
N ASP A 50 -17.27 -3.03 -3.63
CA ASP A 50 -18.73 -2.99 -3.56
C ASP A 50 -19.17 -2.30 -2.26
N VAL A 51 -18.60 -1.11 -2.01
CA VAL A 51 -18.93 -0.29 -0.86
C VAL A 51 -19.22 1.12 -1.34
N VAL A 52 -19.77 1.93 -0.44
CA VAL A 52 -19.98 3.36 -0.68
C VAL A 52 -19.28 4.11 0.44
N LEU A 53 -18.36 5.00 0.07
CA LEU A 53 -17.49 5.66 1.04
C LEU A 53 -18.01 7.01 1.51
N PHE A 54 -18.85 7.68 0.72
CA PHE A 54 -19.25 9.03 1.04
C PHE A 54 -20.77 9.16 1.01
N ASP A 55 -21.28 9.99 1.92
CA ASP A 55 -22.72 10.17 2.03
C ASP A 55 -23.24 10.91 0.79
N ARG A 56 -24.27 10.34 0.17
CA ARG A 56 -24.84 10.90 -1.05
C ARG A 56 -26.03 11.82 -0.78
N SER A 57 -26.15 12.33 0.43
CA SER A 57 -27.09 13.39 0.75
C SER A 57 -26.39 14.48 1.56
N ARG A 60 -22.29 18.88 3.03
CA ARG A 60 -20.83 18.84 2.99
C ARG A 60 -20.33 17.41 2.80
N THR A 61 -19.05 17.27 2.44
CA THR A 61 -18.46 15.95 2.22
C THR A 61 -18.40 15.19 3.54
N LYS A 62 -19.08 14.05 3.58
CA LYS A 62 -19.21 13.24 4.78
C LYS A 62 -18.90 11.79 4.45
N PHE A 63 -18.06 11.16 5.28
CA PHE A 63 -17.81 9.73 5.11
C PHE A 63 -19.01 8.93 5.59
N THR A 64 -19.30 7.83 4.88
CA THR A 64 -20.22 6.84 5.41
C THR A 64 -19.56 6.08 6.57
N ASN A 65 -20.36 5.26 7.26
CA ASN A 65 -19.81 4.45 8.34
C ASN A 65 -18.72 3.51 7.82
N VAL A 66 -18.90 2.98 6.60
CA VAL A 66 -17.89 2.14 5.99
C VAL A 66 -16.69 2.97 5.57
N GLY A 67 -16.94 4.11 4.93
CA GLY A 67 -15.85 5.01 4.61
C GLY A 67 -15.07 5.41 5.85
N ARG A 68 -15.78 5.65 6.95
CA ARG A 68 -15.08 6.10 8.15
C ARG A 68 -14.25 4.97 8.76
N MET A 69 -14.69 3.72 8.67
CA MET A 69 -13.84 2.67 9.23
C MET A 69 -12.57 2.52 8.39
N LEU A 70 -12.67 2.68 7.07
CA LEU A 70 -11.47 2.64 6.24
C LEU A 70 -10.57 3.84 6.51
N LEU A 71 -11.14 5.03 6.66
CA LEU A 71 -10.35 6.21 7.00
C LEU A 71 -9.57 6.01 8.29
N GLU A 72 -10.29 5.67 9.37
CA GLU A 72 -9.69 5.69 10.70
C GLU A 72 -8.70 4.53 10.89
N ARG A 73 -9.14 3.30 10.63
CA ARG A 73 -8.24 2.17 10.75
CA ARG A 73 -8.25 2.17 10.74
C ARG A 73 -7.18 2.18 9.65
N GLY A 74 -7.44 2.87 8.54
CA GLY A 74 -6.43 3.01 7.51
C GLY A 74 -5.28 3.91 7.94
N ARG A 75 -5.55 4.87 8.83
CA ARG A 75 -4.47 5.70 9.35
C ARG A 75 -3.49 4.87 10.17
N VAL A 76 -3.98 3.84 10.86
CA VAL A 76 -3.09 2.92 11.57
C VAL A 76 -2.15 2.25 10.58
N LEU A 77 -2.68 1.81 9.44
CA LEU A 77 -1.85 1.23 8.39
C LEU A 77 -0.85 2.24 7.85
N LEU A 78 -1.30 3.48 7.62
CA LEU A 78 -0.38 4.49 7.12
C LEU A 78 0.76 4.74 8.09
N GLU A 79 0.47 4.75 9.40
CA GLU A 79 1.52 4.97 10.38
C GLU A 79 2.50 3.80 10.39
N ALA A 80 2.00 2.57 10.28
CA ALA A 80 2.88 1.42 10.26
C ALA A 80 3.71 1.37 8.98
N ALA A 81 3.16 1.83 7.86
CA ALA A 81 3.95 1.88 6.63
C ALA A 81 5.05 2.93 6.73
N ASP A 82 4.76 4.08 7.33
CA ASP A 82 5.81 5.09 7.54
C ASP A 82 6.87 4.58 8.49
N LYS A 83 6.45 3.91 9.57
CA LYS A 83 7.40 3.36 10.53
C LYS A 83 8.32 2.33 9.88
N LEU A 84 7.75 1.48 9.02
CA LEU A 84 8.58 0.47 8.35
C LEU A 84 9.57 1.15 7.40
N THR A 85 9.12 2.20 6.70
CA THR A 85 10.02 2.95 5.84
C THR A 85 11.17 3.55 6.64
N THR A 86 10.86 4.19 7.77
CA THR A 86 11.89 4.79 8.60
C THR A 86 12.85 3.73 9.14
N ASP A 87 12.32 2.60 9.61
CA ASP A 87 13.18 1.55 10.16
C ASP A 87 14.07 0.96 9.08
N ALA A 88 13.53 0.74 7.89
CA ALA A 88 14.35 0.22 6.79
C ALA A 88 15.46 1.19 6.42
N GLU A 89 15.13 2.48 6.33
CA GLU A 89 16.13 3.49 6.03
CA GLU A 89 16.14 3.48 6.03
C GLU A 89 17.21 3.55 7.12
N ALA A 90 16.80 3.42 8.38
CA ALA A 90 17.77 3.48 9.47
C ALA A 90 18.72 2.30 9.43
N LEU A 91 18.21 1.10 9.17
CA LEU A 91 19.08 -0.07 9.03
C LEU A 91 20.04 0.11 7.87
N ALA A 92 19.53 0.63 6.73
CA ALA A 92 20.39 0.86 5.58
C ALA A 92 21.55 1.79 5.92
N ARG A 93 21.30 2.82 6.72
CA ARG A 93 22.36 3.75 7.10
CA ARG A 93 22.37 3.75 7.08
C ARG A 93 23.40 3.08 7.98
N LEU A 94 22.96 2.26 8.95
CA LEU A 94 23.91 1.54 9.78
C LEU A 94 24.72 0.51 9.00
N GLU A 95 24.23 0.08 7.84
CA GLU A 95 24.96 -0.83 6.98
C GLU A 95 25.73 -0.13 5.89
N HIS A 96 25.68 1.20 5.85
CA HIS A 96 26.39 2.00 4.86
C HIS A 96 26.04 1.54 3.45
N HIS A 97 24.74 1.56 3.18
CA HIS A 97 24.20 1.09 1.91
C HIS A 97 24.81 1.85 0.75
N HIS A 98 24.91 1.16 -0.39
CA HIS A 98 25.34 1.81 -1.61
C HIS A 98 24.27 2.78 -2.12
N HIS A 99 24.72 3.83 -2.77
CA HIS A 99 23.81 4.74 -3.46
C HIS A 99 23.81 4.46 -4.95
N ARG B 5 3.83 6.16 -2.92
CA ARG B 5 5.28 6.26 -2.89
C ARG B 5 5.82 5.04 -3.64
N ALA B 6 7.01 4.56 -3.27
CA ALA B 6 7.46 3.27 -3.77
C ALA B 6 7.17 2.13 -2.81
N LEU B 7 7.09 2.41 -1.50
CA LEU B 7 6.57 1.40 -0.57
C LEU B 7 5.06 1.39 -0.69
N THR B 8 4.56 0.42 -1.45
CA THR B 8 3.15 0.20 -1.66
C THR B 8 2.81 -1.20 -1.14
N LEU B 9 1.53 -1.43 -0.91
CA LEU B 9 1.11 -2.79 -0.57
C LEU B 9 1.46 -3.75 -1.70
N GLU B 10 1.31 -3.30 -2.95
CA GLU B 10 1.68 -4.16 -4.09
C GLU B 10 3.16 -4.53 -4.07
N ALA B 11 4.03 -3.58 -3.73
CA ALA B 11 5.46 -3.91 -3.65
C ALA B 11 5.71 -4.98 -2.60
N LEU B 12 5.06 -4.87 -1.44
CA LEU B 12 5.20 -5.89 -0.41
C LEU B 12 4.65 -7.23 -0.87
N ARG B 13 3.58 -7.20 -1.66
CA ARG B 13 3.02 -8.43 -2.21
C ARG B 13 3.97 -9.06 -3.21
N VAL B 14 4.63 -8.24 -4.03
CA VAL B 14 5.64 -8.75 -4.96
C VAL B 14 6.76 -9.41 -4.18
N MET B 15 7.24 -8.74 -3.13
CA MET B 15 8.31 -9.28 -2.32
C MET B 15 7.89 -10.61 -1.69
N ASP B 16 6.67 -10.66 -1.16
CA ASP B 16 6.14 -11.88 -0.57
C ASP B 16 6.09 -13.02 -1.59
N ALA B 17 5.60 -12.72 -2.79
CA ALA B 17 5.47 -13.77 -3.81
C ALA B 17 6.82 -14.26 -4.29
N ILE B 18 7.81 -13.35 -4.41
CA ILE B 18 9.14 -13.78 -4.83
C ILE B 18 9.76 -14.70 -3.79
N ASP B 19 9.59 -14.37 -2.51
CA ASP B 19 10.10 -15.24 -1.45
C ASP B 19 9.42 -16.61 -1.48
N ARG B 20 8.09 -16.62 -1.61
CA ARG B 20 7.34 -17.87 -1.51
C ARG B 20 7.55 -18.74 -2.74
N ARG B 21 7.50 -18.15 -3.93
CA ARG B 21 7.60 -18.94 -5.14
C ARG B 21 9.04 -19.12 -5.62
N GLY B 22 9.94 -18.24 -5.21
CA GLY B 22 11.37 -18.45 -5.40
C GLY B 22 12.01 -17.62 -6.48
N SER B 23 11.24 -16.97 -7.34
CA SER B 23 11.83 -16.26 -8.47
C SER B 23 10.83 -15.22 -8.98
N PHE B 24 11.35 -14.32 -9.83
CA PHE B 24 10.48 -13.37 -10.51
C PHE B 24 9.44 -14.09 -11.35
N ALA B 25 9.87 -15.07 -12.15
CA ALA B 25 8.98 -15.71 -13.10
C ALA B 25 7.86 -16.46 -12.38
N ALA B 26 8.21 -17.20 -11.33
CA ALA B 26 7.18 -17.94 -10.58
C ALA B 26 6.25 -16.99 -9.84
N ALA B 27 6.79 -15.92 -9.27
CA ALA B 27 5.95 -14.94 -8.59
C ALA B 27 5.03 -14.23 -9.56
N ALA B 28 5.54 -13.88 -10.74
CA ALA B 28 4.69 -13.24 -11.75
C ALA B 28 3.55 -14.16 -12.18
N ASP B 29 3.82 -15.46 -12.21
CA ASP B 29 2.76 -16.44 -12.47
C ASP B 29 1.65 -16.32 -11.44
N GLU B 30 2.02 -16.27 -10.16
CA GLU B 30 1.03 -16.13 -9.10
C GLU B 30 0.21 -14.86 -9.25
N LEU B 31 0.89 -13.73 -9.46
CA LEU B 31 0.24 -12.43 -9.48
C LEU B 31 -0.46 -12.13 -10.80
N GLY B 32 -0.29 -12.99 -11.81
CA GLY B 32 -0.94 -12.77 -13.08
C GLY B 32 -0.41 -11.60 -13.86
N ARG B 33 0.86 -11.26 -13.69
CA ARG B 33 1.49 -10.17 -14.41
C ARG B 33 2.72 -10.70 -15.14
N VAL B 34 3.21 -9.92 -16.11
CA VAL B 34 4.46 -10.27 -16.77
C VAL B 34 5.59 -10.00 -15.79
N PRO B 35 6.69 -10.76 -15.86
CA PRO B 35 7.78 -10.56 -14.88
C PRO B 35 8.31 -9.14 -14.82
N SER B 36 8.37 -8.44 -15.96
CA SER B 36 8.93 -7.10 -15.95
C SER B 36 8.09 -6.15 -15.09
N ALA B 37 6.79 -6.42 -14.96
CA ALA B 37 5.97 -5.61 -14.06
C ALA B 37 6.46 -5.74 -12.63
N LEU B 38 6.91 -6.94 -12.24
CA LEU B 38 7.39 -7.14 -10.88
C LEU B 38 8.75 -6.50 -10.68
N SER B 39 9.65 -6.61 -11.67
CA SER B 39 10.96 -5.99 -11.55
C SER B 39 10.87 -4.47 -11.58
N TYR B 40 9.91 -3.92 -12.34
CA TYR B 40 9.73 -2.47 -12.34
C TYR B 40 9.35 -1.99 -10.95
N THR B 41 8.39 -2.66 -10.32
CA THR B 41 8.00 -2.31 -8.95
C THR B 41 9.20 -2.38 -8.02
N MET B 42 10.01 -3.43 -8.16
CA MET B 42 11.14 -3.62 -7.25
C MET B 42 12.24 -2.61 -7.54
N GLN B 43 12.45 -2.29 -8.82
CA GLN B 43 13.43 -1.26 -9.16
C GLN B 43 13.08 0.08 -8.52
N LYS B 44 11.81 0.47 -8.60
CA LYS B 44 11.42 1.76 -8.03
C LYS B 44 11.60 1.78 -6.53
N LEU B 45 11.28 0.68 -5.86
CA LEU B 45 11.48 0.58 -4.41
C LEU B 45 12.97 0.62 -4.06
N GLU B 46 13.79 -0.12 -4.79
CA GLU B 46 15.23 -0.11 -4.53
C GLU B 46 15.82 1.27 -4.76
N GLU B 47 15.31 1.98 -5.76
CA GLU B 47 15.87 3.30 -6.08
C GLU B 47 15.39 4.35 -5.09
N GLU B 48 14.15 4.27 -4.64
CA GLU B 48 13.67 5.22 -3.63
C GLU B 48 14.38 4.99 -2.29
N LEU B 49 14.35 3.75 -1.80
CA LEU B 49 15.01 3.44 -0.54
C LEU B 49 16.52 3.42 -0.67
N ASP B 50 17.05 3.28 -1.89
CA ASP B 50 18.48 3.31 -2.16
C ASP B 50 19.19 2.16 -1.45
N VAL B 51 18.72 0.94 -1.73
CA VAL B 51 19.25 -0.26 -1.08
C VAL B 51 18.87 -1.46 -1.93
N VAL B 52 19.67 -2.52 -1.82
CA VAL B 52 19.39 -3.79 -2.49
C VAL B 52 18.51 -4.63 -1.58
N LEU B 53 17.44 -5.19 -2.14
CA LEU B 53 16.48 -5.96 -1.35
C LEU B 53 16.70 -7.46 -1.39
N PHE B 54 17.23 -7.99 -2.48
CA PHE B 54 17.45 -9.43 -2.59
C PHE B 54 18.39 -9.71 -3.75
N ASP B 55 18.91 -10.94 -3.78
CA ASP B 55 19.73 -11.43 -4.86
C ASP B 55 19.16 -12.74 -5.38
N ARG B 56 18.94 -12.83 -6.68
CA ARG B 56 18.50 -14.06 -7.31
C ARG B 56 19.72 -14.91 -7.68
N SER B 57 19.60 -16.21 -7.45
CA SER B 57 20.67 -17.15 -7.77
C SER B 57 20.20 -18.59 -7.58
N ARG B 60 17.42 -20.09 -6.09
CA ARG B 60 16.36 -19.34 -5.43
C ARG B 60 16.81 -17.91 -5.13
N THR B 61 15.98 -17.19 -4.38
CA THR B 61 16.22 -15.79 -4.07
C THR B 61 16.62 -15.62 -2.61
N LYS B 62 17.64 -14.79 -2.38
CA LYS B 62 18.17 -14.52 -1.06
C LYS B 62 17.96 -13.05 -0.75
N PHE B 63 17.25 -12.77 0.34
CA PHE B 63 16.94 -11.39 0.70
C PHE B 63 18.06 -10.79 1.53
N THR B 64 18.32 -9.50 1.33
CA THR B 64 19.28 -8.80 2.15
C THR B 64 18.69 -8.57 3.54
N ASN B 65 19.48 -7.96 4.42
CA ASN B 65 18.97 -7.66 5.75
C ASN B 65 17.83 -6.65 5.69
N VAL B 66 17.99 -5.59 4.89
CA VAL B 66 16.91 -4.63 4.71
C VAL B 66 15.75 -5.26 3.95
N GLY B 67 16.06 -6.06 2.92
CA GLY B 67 14.99 -6.75 2.20
C GLY B 67 14.19 -7.68 3.10
N ARG B 68 14.86 -8.38 4.02
CA ARG B 68 14.15 -9.31 4.89
C ARG B 68 13.26 -8.56 5.88
N MET B 69 13.73 -7.42 6.38
CA MET B 69 12.88 -6.62 7.27
C MET B 69 11.64 -6.12 6.54
N LEU B 70 11.80 -5.62 5.32
CA LEU B 70 10.62 -5.23 4.54
C LEU B 70 9.73 -6.41 4.25
N LEU B 71 10.33 -7.56 3.93
CA LEU B 71 9.54 -8.76 3.63
C LEU B 71 8.73 -9.18 4.85
N GLU B 72 9.38 -9.30 6.01
CA GLU B 72 8.72 -9.86 7.17
C GLU B 72 7.76 -8.87 7.81
N ARG B 73 8.20 -7.63 8.04
CA ARG B 73 7.30 -6.62 8.58
C ARG B 73 6.22 -6.22 7.58
N GLY B 74 6.52 -6.36 6.28
CA GLY B 74 5.51 -6.08 5.29
C GLY B 74 4.36 -7.07 5.30
N ARG B 75 4.65 -8.32 5.65
CA ARG B 75 3.59 -9.32 5.75
C ARG B 75 2.60 -8.98 6.87
N VAL B 76 3.09 -8.37 7.95
CA VAL B 76 2.18 -7.93 9.00
C VAL B 76 1.24 -6.85 8.47
N LEU B 77 1.78 -5.92 7.68
CA LEU B 77 0.95 -4.87 7.08
C LEU B 77 -0.06 -5.46 6.10
N LEU B 78 0.37 -6.43 5.30
CA LEU B 78 -0.56 -7.04 4.35
C LEU B 78 -1.71 -7.73 5.08
N GLU B 79 -1.42 -8.41 6.18
CA GLU B 79 -2.48 -9.03 6.96
C GLU B 79 -3.46 -7.98 7.49
N ALA B 80 -2.93 -6.87 8.02
CA ALA B 80 -3.80 -5.83 8.56
C ALA B 80 -4.64 -5.19 7.45
N ALA B 81 -4.08 -5.04 6.25
CA ALA B 81 -4.85 -4.50 5.14
C ALA B 81 -5.96 -5.46 4.74
N ASP B 82 -5.68 -6.76 4.74
CA ASP B 82 -6.72 -7.73 4.43
C ASP B 82 -7.80 -7.75 5.50
N LYS B 83 -7.41 -7.65 6.77
CA LYS B 83 -8.40 -7.62 7.84
C LYS B 83 -9.29 -6.39 7.70
N LEU B 84 -8.70 -5.22 7.43
CA LEU B 84 -9.50 -4.01 7.25
C LEU B 84 -10.44 -4.14 6.07
N THR B 85 -9.96 -4.66 4.94
CA THR B 85 -10.84 -4.91 3.79
C THR B 85 -12.00 -5.82 4.17
N THR B 86 -11.70 -6.92 4.86
CA THR B 86 -12.74 -7.86 5.30
C THR B 86 -13.76 -7.18 6.20
N ASP B 87 -13.26 -6.41 7.18
CA ASP B 87 -14.16 -5.78 8.16
C ASP B 87 -15.05 -4.74 7.49
N ALA B 88 -14.50 -3.98 6.53
CA ALA B 88 -15.30 -2.97 5.86
C ALA B 88 -16.37 -3.61 4.98
N GLU B 89 -16.03 -4.71 4.30
CA GLU B 89 -17.04 -5.37 3.48
C GLU B 89 -18.15 -5.97 4.35
N ALA B 90 -17.80 -6.50 5.52
CA ALA B 90 -18.80 -7.07 6.41
C ALA B 90 -19.79 -6.02 6.88
N LEU B 91 -19.27 -4.86 7.29
CA LEU B 91 -20.16 -3.76 7.66
C LEU B 91 -21.01 -3.32 6.47
N ALA B 92 -20.41 -3.27 5.27
CA ALA B 92 -21.14 -2.81 4.10
C ALA B 92 -22.35 -3.68 3.80
N ARG B 93 -22.22 -5.00 4.00
CA ARG B 93 -23.37 -5.89 3.78
C ARG B 93 -24.52 -5.60 4.73
N LEU B 94 -24.23 -5.00 5.90
CA LEU B 94 -25.28 -4.65 6.83
C LEU B 94 -25.93 -3.31 6.50
N GLU B 95 -25.36 -2.54 5.57
CA GLU B 95 -25.88 -1.22 5.26
C GLU B 95 -26.69 -1.26 3.96
#